data_5XDJ
#
_entry.id   5XDJ
#
_entity_poly.entity_id   1
_entity_poly.type   'polypeptide(L)'
_entity_poly.pdbx_seq_one_letter_code
;GIFSKLAGKKIKNLLISGLKG
;
_entity_poly.pdbx_strand_id   A
#
# COMPACT_ATOMS: atom_id res chain seq x y z
N GLY A 1 0.38 1.22 -15.50
CA GLY A 1 1.23 2.39 -15.47
C GLY A 1 1.09 3.17 -14.18
N ILE A 2 0.34 4.27 -14.23
CA ILE A 2 0.13 5.11 -13.06
C ILE A 2 -0.34 4.28 -11.87
N PHE A 3 -1.22 3.32 -12.14
CA PHE A 3 -1.76 2.46 -11.09
C PHE A 3 -0.74 1.41 -10.67
N SER A 4 0.17 1.08 -11.58
CA SER A 4 1.21 0.09 -11.31
C SER A 4 2.27 0.66 -10.39
N LYS A 5 2.66 1.91 -10.63
CA LYS A 5 3.67 2.57 -9.81
C LYS A 5 3.09 3.01 -8.47
N LEU A 6 1.82 3.40 -8.48
CA LEU A 6 1.14 3.84 -7.28
C LEU A 6 0.84 2.65 -6.35
N ALA A 7 0.86 1.46 -6.92
CA ALA A 7 0.60 0.25 -6.15
C ALA A 7 1.51 0.17 -4.92
N GLY A 8 2.72 0.68 -5.05
CA GLY A 8 3.66 0.66 -3.95
C GLY A 8 3.16 1.44 -2.75
N LYS A 9 2.21 2.35 -2.99
CA LYS A 9 1.65 3.16 -1.92
C LYS A 9 0.54 2.41 -1.19
N LYS A 10 -0.52 2.05 -1.92
CA LYS A 10 -1.65 1.33 -1.34
C LYS A 10 -1.16 0.13 -0.55
N ILE A 11 -0.23 -0.64 -1.12
CA ILE A 11 0.31 -1.81 -0.45
C ILE A 11 0.94 -1.44 0.88
N LYS A 12 1.57 -0.27 0.93
CA LYS A 12 2.22 0.21 2.15
C LYS A 12 1.18 0.68 3.17
N ASN A 13 0.04 1.15 2.67
CA ASN A 13 -1.03 1.63 3.53
C ASN A 13 -1.75 0.47 4.21
N LEU A 14 -1.80 -0.67 3.53
CA LEU A 14 -2.46 -1.84 4.06
C LEU A 14 -1.52 -2.63 4.98
N LEU A 15 -0.24 -2.59 4.67
CA LEU A 15 0.77 -3.28 5.47
C LEU A 15 0.86 -2.69 6.87
N ILE A 16 0.87 -1.36 6.95
CA ILE A 16 0.95 -0.66 8.22
C ILE A 16 -0.35 -0.81 9.00
N SER A 17 -1.47 -0.84 8.28
CA SER A 17 -2.78 -0.97 8.92
C SER A 17 -3.01 -2.41 9.39
N GLY A 18 -2.49 -3.36 8.63
CA GLY A 18 -2.65 -4.77 8.98
C GLY A 18 -1.65 -5.22 10.03
N LEU A 19 -0.57 -4.45 10.18
CA LEU A 19 0.46 -4.78 11.15
C LEU A 19 0.29 -3.96 12.43
N LYS A 20 -0.43 -2.85 12.31
CA LYS A 20 -0.67 -1.98 13.46
C LYS A 20 -1.64 -2.60 14.43
N GLY A 21 -2.58 -3.39 13.91
CA GLY A 21 -3.57 -4.04 14.74
C GLY A 21 -2.93 -4.98 15.76
N GLY A 1 2.49 2.59 -16.07
CA GLY A 1 1.17 2.42 -15.47
C GLY A 1 1.03 3.20 -14.18
N ILE A 2 0.26 4.29 -14.23
CA ILE A 2 0.04 5.11 -13.05
C ILE A 2 -0.42 4.27 -11.87
N PHE A 3 -1.29 3.30 -12.14
CA PHE A 3 -1.81 2.43 -11.10
C PHE A 3 -0.77 1.39 -10.68
N SER A 4 0.14 1.08 -11.60
CA SER A 4 1.19 0.11 -11.33
C SER A 4 2.25 0.69 -10.40
N LYS A 5 2.62 1.94 -10.64
CA LYS A 5 3.62 2.62 -9.83
C LYS A 5 3.03 3.04 -8.48
N LEU A 6 1.76 3.41 -8.49
CA LEU A 6 1.08 3.84 -7.26
C LEU A 6 0.80 2.66 -6.35
N ALA A 7 0.83 1.45 -6.93
CA ALA A 7 0.59 0.24 -6.16
C ALA A 7 1.50 0.17 -4.93
N GLY A 8 2.70 0.70 -5.07
CA GLY A 8 3.64 0.69 -3.96
C GLY A 8 3.13 1.45 -2.76
N LYS A 9 2.18 2.35 -2.99
CA LYS A 9 1.60 3.15 -1.92
C LYS A 9 0.51 2.38 -1.19
N LYS A 10 -0.54 2.02 -1.93
CA LYS A 10 -1.66 1.27 -1.35
C LYS A 10 -1.15 0.07 -0.55
N ILE A 11 -0.22 -0.67 -1.12
CA ILE A 11 0.34 -1.84 -0.47
C ILE A 11 0.97 -1.47 0.87
N LYS A 12 1.58 -0.28 0.92
CA LYS A 12 2.22 0.20 2.14
C LYS A 12 1.18 0.65 3.16
N ASN A 13 0.03 1.10 2.66
CA ASN A 13 -1.04 1.57 3.53
C ASN A 13 -1.74 0.40 4.21
N LEU A 14 -1.80 -0.74 3.51
CA LEU A 14 -2.44 -1.93 4.04
C LEU A 14 -1.49 -2.69 4.98
N LEU A 15 -0.21 -2.64 4.65
CA LEU A 15 0.81 -3.32 5.45
C LEU A 15 0.89 -2.71 6.86
N ILE A 16 0.87 -1.38 6.93
CA ILE A 16 0.94 -0.69 8.21
C ILE A 16 -0.35 -0.85 8.99
N SER A 17 -1.48 -0.92 8.27
CA SER A 17 -2.78 -1.07 8.90
C SER A 17 -2.99 -2.51 9.37
N GLY A 18 -2.45 -3.46 8.62
CA GLY A 18 -2.59 -4.86 8.97
C GLY A 18 -1.59 -5.29 10.03
N LEU A 19 -0.51 -4.51 10.17
CA LEU A 19 0.53 -4.81 11.15
C LEU A 19 0.34 -3.99 12.43
N LYS A 20 -0.40 -2.90 12.30
CA LYS A 20 -0.66 -2.02 13.45
C LYS A 20 -1.63 -2.67 14.43
N GLY A 21 -2.91 -2.69 14.05
CA GLY A 21 -3.92 -3.28 14.91
C GLY A 21 -4.24 -4.71 14.52
N GLY A 1 0.11 2.50 -16.22
CA GLY A 1 1.29 2.48 -15.37
C GLY A 1 1.09 3.24 -14.08
N ILE A 2 0.27 4.30 -14.14
CA ILE A 2 -0.01 5.11 -12.96
C ILE A 2 -0.44 4.25 -11.79
N PHE A 3 -1.25 3.24 -12.07
CA PHE A 3 -1.74 2.34 -11.02
C PHE A 3 -0.66 1.37 -10.59
N SER A 4 0.28 1.09 -11.50
CA SER A 4 1.37 0.17 -11.22
C SER A 4 2.39 0.80 -10.27
N LYS A 5 2.70 2.08 -10.51
CA LYS A 5 3.66 2.80 -9.70
C LYS A 5 3.03 3.21 -8.35
N LEU A 6 1.75 3.51 -8.38
CA LEU A 6 1.02 3.91 -7.17
C LEU A 6 0.79 2.71 -6.26
N ALA A 7 0.90 1.51 -6.83
CA ALA A 7 0.71 0.29 -6.06
C ALA A 7 1.57 0.28 -4.80
N GLY A 8 2.78 0.82 -4.92
CA GLY A 8 3.69 0.86 -3.79
C GLY A 8 3.10 1.61 -2.60
N LYS A 9 2.11 2.45 -2.87
CA LYS A 9 1.46 3.23 -1.83
C LYS A 9 0.38 2.41 -1.13
N LYS A 10 -0.65 2.03 -1.88
CA LYS A 10 -1.74 1.25 -1.34
C LYS A 10 -1.22 0.06 -0.54
N ILE A 11 -0.24 -0.64 -1.11
CA ILE A 11 0.34 -1.80 -0.45
C ILE A 11 0.93 -1.42 0.91
N LYS A 12 1.49 -0.21 0.99
CA LYS A 12 2.08 0.27 2.23
C LYS A 12 1.00 0.67 3.23
N ASN A 13 -0.14 1.10 2.71
CA ASN A 13 -1.26 1.51 3.56
C ASN A 13 -1.93 0.30 4.20
N LEU A 14 -1.93 -0.82 3.48
CA LEU A 14 -2.55 -2.04 3.97
C LEU A 14 -1.61 -2.77 4.93
N LEU A 15 -0.31 -2.69 4.66
CA LEU A 15 0.68 -3.33 5.50
C LEU A 15 0.67 -2.75 6.91
N ILE A 16 0.61 -1.43 6.99
CA ILE A 16 0.58 -0.74 8.28
C ILE A 16 -0.71 -1.02 9.03
N SER A 17 -1.81 -1.07 8.29
CA SER A 17 -3.12 -1.34 8.89
C SER A 17 -3.24 -2.79 9.33
N GLY A 18 -2.63 -3.70 8.55
CA GLY A 18 -2.69 -5.10 8.87
C GLY A 18 -1.68 -5.49 9.94
N LEU A 19 -0.68 -4.65 10.14
CA LEU A 19 0.35 -4.90 11.14
C LEU A 19 0.07 -4.14 12.43
N LYS A 20 -0.76 -3.10 12.33
CA LYS A 20 -1.12 -2.28 13.48
C LYS A 20 -2.06 -3.03 14.41
N GLY A 21 -3.33 -3.10 14.02
CA GLY A 21 -4.32 -3.80 14.84
C GLY A 21 -4.04 -5.28 14.94
N GLY A 1 0.38 1.47 -15.60
CA GLY A 1 1.41 2.47 -15.38
C GLY A 1 1.21 3.23 -14.09
N ILE A 2 0.41 4.29 -14.15
CA ILE A 2 0.13 5.11 -12.97
C ILE A 2 -0.31 4.25 -11.79
N PHE A 3 -1.14 3.25 -12.09
CA PHE A 3 -1.64 2.34 -11.06
C PHE A 3 -0.57 1.35 -10.62
N SER A 4 0.37 1.08 -11.53
CA SER A 4 1.45 0.15 -11.23
C SER A 4 2.48 0.77 -10.29
N LYS A 5 2.79 2.04 -10.53
CA LYS A 5 3.76 2.75 -9.69
C LYS A 5 3.13 3.16 -8.36
N LEU A 6 1.85 3.47 -8.39
CA LEU A 6 1.12 3.87 -7.18
C LEU A 6 0.88 2.67 -6.28
N ALA A 7 0.97 1.47 -6.84
CA ALA A 7 0.76 0.25 -6.09
C ALA A 7 1.62 0.23 -4.83
N GLY A 8 2.84 0.75 -4.94
CA GLY A 8 3.74 0.79 -3.80
C GLY A 8 3.15 1.53 -2.62
N LYS A 9 2.18 2.39 -2.89
CA LYS A 9 1.53 3.17 -1.84
C LYS A 9 0.44 2.36 -1.15
N LYS A 10 -0.59 1.99 -1.90
CA LYS A 10 -1.70 1.21 -1.37
C LYS A 10 -1.19 0.01 -0.57
N ILE A 11 -0.22 -0.69 -1.14
CA ILE A 11 0.35 -1.86 -0.48
C ILE A 11 0.93 -1.49 0.87
N LYS A 12 1.51 -0.29 0.97
CA LYS A 12 2.09 0.18 2.21
C LYS A 12 1.01 0.59 3.21
N ASN A 13 -0.12 1.03 2.68
CA ASN A 13 -1.24 1.45 3.52
C ASN A 13 -1.92 0.25 4.16
N LEU A 14 -1.94 -0.86 3.43
CA LEU A 14 -2.57 -2.09 3.92
C LEU A 14 -1.64 -2.83 4.87
N LEU A 15 -0.34 -2.76 4.62
CA LEU A 15 0.65 -3.42 5.46
C LEU A 15 0.64 -2.83 6.87
N ILE A 16 0.59 -1.51 6.96
CA ILE A 16 0.57 -0.83 8.24
C ILE A 16 -0.72 -1.09 8.99
N SER A 17 -1.83 -1.14 8.25
CA SER A 17 -3.13 -1.39 8.85
C SER A 17 -3.28 -2.85 9.26
N GLY A 18 -2.64 -3.73 8.50
CA GLY A 18 -2.71 -5.15 8.79
C GLY A 18 -1.74 -5.57 9.88
N LEU A 19 -0.73 -4.73 10.11
CA LEU A 19 0.27 -5.02 11.13
C LEU A 19 0.01 -4.22 12.40
N LYS A 20 -0.78 -3.15 12.27
CA LYS A 20 -1.11 -2.31 13.40
C LYS A 20 -2.10 -3.00 14.33
N GLY A 21 -3.36 -3.06 13.90
CA GLY A 21 -4.39 -3.71 14.71
C GLY A 21 -4.13 -5.18 14.91
N GLY A 1 0.06 2.00 -15.93
CA GLY A 1 1.32 2.46 -15.37
C GLY A 1 1.13 3.23 -14.07
N ILE A 2 0.34 4.29 -14.12
CA ILE A 2 0.08 5.11 -12.95
C ILE A 2 -0.37 4.26 -11.78
N PHE A 3 -1.20 3.25 -12.06
CA PHE A 3 -1.70 2.36 -11.02
C PHE A 3 -0.63 1.36 -10.58
N SER A 4 0.30 1.09 -11.50
CA SER A 4 1.38 0.14 -11.21
C SER A 4 2.41 0.76 -10.27
N LYS A 5 2.73 2.02 -10.52
CA LYS A 5 3.70 2.73 -9.69
C LYS A 5 3.08 3.14 -8.36
N LEU A 6 1.80 3.47 -8.37
CA LEU A 6 1.10 3.87 -7.16
C LEU A 6 0.85 2.68 -6.26
N ALA A 7 0.93 1.48 -6.82
CA ALA A 7 0.71 0.25 -6.06
C ALA A 7 1.61 0.21 -4.83
N GLY A 8 2.81 0.78 -4.94
CA GLY A 8 3.73 0.80 -3.83
C GLY A 8 3.18 1.55 -2.63
N LYS A 9 2.19 2.41 -2.87
CA LYS A 9 1.57 3.19 -1.80
C LYS A 9 0.50 2.37 -1.09
N LYS A 10 -0.53 1.98 -1.83
CA LYS A 10 -1.63 1.20 -1.28
C LYS A 10 -1.09 0.01 -0.47
N ILE A 11 -0.13 -0.70 -1.04
CA ILE A 11 0.47 -1.85 -0.38
C ILE A 11 1.07 -1.46 0.97
N LYS A 12 1.63 -0.26 1.03
CA LYS A 12 2.24 0.24 2.26
C LYS A 12 1.17 0.64 3.27
N ASN A 13 0.02 1.08 2.77
CA ASN A 13 -1.09 1.49 3.62
C ASN A 13 -1.77 0.28 4.26
N LEU A 14 -1.80 -0.83 3.53
CA LEU A 14 -2.42 -2.04 4.04
C LEU A 14 -1.49 -2.76 5.01
N LEU A 15 -0.19 -2.68 4.75
CA LEU A 15 0.80 -3.33 5.61
C LEU A 15 0.80 -2.71 7.00
N ILE A 16 0.75 -1.38 7.06
CA ILE A 16 0.74 -0.67 8.33
C ILE A 16 -0.56 -0.92 9.08
N SER A 17 -1.66 -1.06 8.34
CA SER A 17 -2.96 -1.30 8.93
C SER A 17 -3.10 -2.75 9.38
N GLY A 18 -2.47 -3.65 8.65
CA GLY A 18 -2.52 -5.06 8.99
C GLY A 18 -1.65 -5.42 10.17
N LEU A 19 -0.64 -4.59 10.41
CA LEU A 19 0.28 -4.82 11.53
C LEU A 19 -0.05 -3.91 12.71
N LYS A 20 -0.49 -2.70 12.40
CA LYS A 20 -0.86 -1.73 13.43
C LYS A 20 -2.35 -1.45 13.42
N GLY A 21 -2.84 -0.92 12.30
CA GLY A 21 -4.25 -0.60 12.18
C GLY A 21 -5.13 -1.80 12.47
N GLY A 1 2.36 2.42 -15.98
CA GLY A 1 1.01 2.47 -15.47
C GLY A 1 0.90 3.24 -14.17
N ILE A 2 0.19 4.36 -14.21
CA ILE A 2 0.01 5.19 -13.03
C ILE A 2 -0.49 4.36 -11.85
N PHE A 3 -1.40 3.44 -12.13
CA PHE A 3 -1.97 2.57 -11.09
C PHE A 3 -0.97 1.49 -10.68
N SER A 4 -0.08 1.14 -11.61
CA SER A 4 0.92 0.11 -11.34
C SER A 4 2.01 0.64 -10.41
N LYS A 5 2.43 1.88 -10.64
CA LYS A 5 3.47 2.50 -9.83
C LYS A 5 2.90 2.94 -8.48
N LEU A 6 1.65 3.37 -8.48
CA LEU A 6 0.99 3.82 -7.26
C LEU A 6 0.66 2.63 -6.35
N ALA A 7 0.63 1.44 -6.94
CA ALA A 7 0.34 0.23 -6.18
C ALA A 7 1.25 0.09 -4.97
N GLY A 8 2.48 0.59 -5.10
CA GLY A 8 3.44 0.51 -4.02
C GLY A 8 2.99 1.31 -2.80
N LYS A 9 2.09 2.26 -3.02
CA LYS A 9 1.58 3.10 -1.94
C LYS A 9 0.46 2.39 -1.18
N LYS A 10 -0.61 2.07 -1.89
CA LYS A 10 -1.75 1.39 -1.28
C LYS A 10 -1.29 0.19 -0.47
N ILE A 11 -0.45 -0.64 -1.07
CA ILE A 11 0.07 -1.84 -0.40
C ILE A 11 0.74 -1.48 0.92
N LYS A 12 1.40 -0.32 0.95
CA LYS A 12 2.09 0.15 2.15
C LYS A 12 1.09 0.64 3.18
N ASN A 13 -0.06 1.14 2.70
CA ASN A 13 -1.09 1.65 3.58
C ASN A 13 -1.81 0.52 4.30
N LEU A 14 -1.96 -0.61 3.60
CA LEU A 14 -2.64 -1.77 4.17
C LEU A 14 -1.71 -2.53 5.11
N LEU A 15 -0.42 -2.55 4.77
CA LEU A 15 0.57 -3.25 5.58
C LEU A 15 0.70 -2.60 6.96
N ILE A 16 0.76 -1.28 6.98
CA ILE A 16 0.88 -0.54 8.23
C ILE A 16 -0.39 -0.68 9.07
N SER A 17 -1.54 -0.74 8.40
CA SER A 17 -2.82 -0.87 9.08
C SER A 17 -3.03 -2.29 9.56
N GLY A 18 -2.48 -3.26 8.83
CA GLY A 18 -2.63 -4.65 9.21
C GLY A 18 -1.60 -5.08 10.24
N LEU A 19 -0.54 -4.31 10.36
CA LEU A 19 0.53 -4.61 11.32
C LEU A 19 0.39 -3.75 12.57
N LYS A 20 -0.33 -2.64 12.45
CA LYS A 20 -0.53 -1.74 13.57
C LYS A 20 -1.50 -2.34 14.59
N GLY A 21 -2.44 -3.14 14.11
CA GLY A 21 -3.41 -3.77 15.00
C GLY A 21 -3.06 -5.21 15.30
N GLY A 1 1.48 2.98 -16.54
CA GLY A 1 0.85 2.24 -15.45
C GLY A 1 0.76 3.05 -14.18
N ILE A 2 0.02 4.14 -14.22
CA ILE A 2 -0.15 5.00 -13.05
C ILE A 2 -0.58 4.20 -11.83
N PHE A 3 -1.47 3.23 -12.06
CA PHE A 3 -1.97 2.39 -10.97
C PHE A 3 -0.92 1.36 -10.57
N SER A 4 -0.05 1.01 -11.51
CA SER A 4 1.00 0.02 -11.26
C SER A 4 2.09 0.60 -10.38
N LYS A 5 2.47 1.85 -10.67
CA LYS A 5 3.51 2.53 -9.91
C LYS A 5 2.98 3.00 -8.55
N LEU A 6 1.71 3.39 -8.52
CA LEU A 6 1.08 3.85 -7.29
C LEU A 6 0.81 2.69 -6.34
N ALA A 7 0.82 1.48 -6.88
CA ALA A 7 0.58 0.28 -6.08
C ALA A 7 1.50 0.25 -4.86
N GLY A 8 2.74 0.70 -5.05
CA GLY A 8 3.70 0.70 -3.96
C GLY A 8 3.22 1.51 -2.77
N LYS A 9 2.26 2.42 -3.02
CA LYS A 9 1.72 3.26 -1.96
C LYS A 9 0.63 2.53 -1.19
N LYS A 10 -0.46 2.20 -1.89
CA LYS A 10 -1.58 1.50 -1.27
C LYS A 10 -1.10 0.29 -0.47
N ILE A 11 -0.21 -0.49 -1.08
CA ILE A 11 0.34 -1.68 -0.42
C ILE A 11 0.99 -1.31 0.91
N LYS A 12 1.61 -0.15 0.96
CA LYS A 12 2.28 0.32 2.17
C LYS A 12 1.24 0.75 3.22
N ASN A 13 0.14 1.32 2.75
CA ASN A 13 -0.92 1.79 3.64
C ASN A 13 -1.64 0.60 4.29
N LEU A 14 -1.75 -0.49 3.54
CA LEU A 14 -2.41 -1.69 4.05
C LEU A 14 -1.51 -2.45 5.01
N LEU A 15 -0.21 -2.44 4.73
CA LEU A 15 0.76 -3.12 5.58
C LEU A 15 0.76 -2.54 6.99
N ILE A 16 0.76 -1.21 7.08
CA ILE A 16 0.75 -0.53 8.36
C ILE A 16 -0.54 -0.78 9.12
N SER A 17 -1.65 -0.80 8.38
CA SER A 17 -2.96 -1.02 8.98
C SER A 17 -3.12 -2.48 9.42
N GLY A 18 -2.53 -3.39 8.64
CA GLY A 18 -2.61 -4.80 8.97
C GLY A 18 -1.61 -5.21 10.03
N LEU A 19 -0.59 -4.39 10.23
CA LEU A 19 0.44 -4.66 11.22
C LEU A 19 0.20 -3.87 12.50
N LYS A 20 -0.58 -2.79 12.38
CA LYS A 20 -0.89 -1.94 13.52
C LYS A 20 -1.87 -2.64 14.46
N GLY A 21 -2.75 -3.46 13.89
CA GLY A 21 -3.73 -4.17 14.69
C GLY A 21 -3.10 -5.15 15.66
N GLY A 1 -0.15 1.85 -15.97
CA GLY A 1 1.13 2.36 -15.49
C GLY A 1 0.99 3.15 -14.20
N ILE A 2 0.25 4.25 -14.26
CA ILE A 2 0.05 5.09 -13.09
C ILE A 2 -0.43 4.27 -11.90
N PHE A 3 -1.31 3.32 -12.17
CA PHE A 3 -1.85 2.46 -11.11
C PHE A 3 -0.84 1.41 -10.68
N SER A 4 0.07 1.07 -11.60
CA SER A 4 1.10 0.08 -11.32
C SER A 4 2.18 0.65 -10.40
N LYS A 5 2.57 1.89 -10.65
CA LYS A 5 3.58 2.55 -9.85
C LYS A 5 3.00 3.01 -8.51
N LEU A 6 1.74 3.40 -8.51
CA LEU A 6 1.07 3.85 -7.30
C LEU A 6 0.77 2.68 -6.37
N ALA A 7 0.78 1.47 -6.94
CA ALA A 7 0.52 0.27 -6.16
C ALA A 7 1.41 0.19 -4.93
N GLY A 8 2.64 0.69 -5.08
CA GLY A 8 3.57 0.66 -3.97
C GLY A 8 3.09 1.47 -2.78
N LYS A 9 2.16 2.38 -3.03
CA LYS A 9 1.62 3.22 -1.96
C LYS A 9 0.51 2.49 -1.21
N LYS A 10 -0.57 2.16 -1.92
CA LYS A 10 -1.70 1.47 -1.31
C LYS A 10 -1.22 0.26 -0.50
N ILE A 11 -0.36 -0.54 -1.11
CA ILE A 11 0.19 -1.73 -0.43
C ILE A 11 0.84 -1.35 0.89
N LYS A 12 1.47 -0.19 0.93
CA LYS A 12 2.13 0.28 2.14
C LYS A 12 1.12 0.78 3.16
N ASN A 13 -0.02 1.25 2.67
CA ASN A 13 -1.08 1.76 3.54
C ASN A 13 -1.80 0.60 4.24
N LEU A 14 -1.91 -0.53 3.55
CA LEU A 14 -2.57 -1.71 4.11
C LEU A 14 -1.63 -2.47 5.04
N LEU A 15 -0.34 -2.46 4.72
CA LEU A 15 0.65 -3.14 5.53
C LEU A 15 0.74 -2.53 6.92
N ILE A 16 0.76 -1.21 6.98
CA ILE A 16 0.83 -0.49 8.25
C ILE A 16 -0.44 -0.66 9.05
N SER A 17 -1.57 -0.67 8.36
CA SER A 17 -2.87 -0.84 9.01
C SER A 17 -3.06 -2.28 9.49
N GLY A 18 -2.54 -3.22 8.73
CA GLY A 18 -2.66 -4.62 9.09
C GLY A 18 -1.64 -5.04 10.12
N LEU A 19 -0.58 -4.26 10.26
CA LEU A 19 0.48 -4.56 11.22
C LEU A 19 0.31 -3.72 12.48
N LYS A 20 -0.42 -2.62 12.37
CA LYS A 20 -0.66 -1.73 13.51
C LYS A 20 -1.63 -2.36 14.50
N GLY A 21 -2.55 -3.17 13.99
CA GLY A 21 -3.53 -3.83 14.84
C GLY A 21 -2.91 -4.92 15.69
N GLY A 1 2.43 2.57 -15.90
CA GLY A 1 1.08 2.50 -15.38
C GLY A 1 0.92 3.26 -14.08
N ILE A 2 0.15 4.34 -14.11
CA ILE A 2 -0.09 5.15 -12.92
C ILE A 2 -0.54 4.30 -11.74
N PHE A 3 -1.39 3.31 -12.03
CA PHE A 3 -1.89 2.42 -10.99
C PHE A 3 -0.83 1.39 -10.60
N SER A 4 0.08 1.10 -11.52
CA SER A 4 1.14 0.14 -11.26
C SER A 4 2.19 0.72 -10.32
N LYS A 5 2.54 1.99 -10.55
CA LYS A 5 3.54 2.67 -9.73
C LYS A 5 2.95 3.07 -8.39
N LEU A 6 1.66 3.43 -8.39
CA LEU A 6 0.98 3.83 -7.16
C LEU A 6 0.72 2.63 -6.26
N ALA A 7 0.78 1.44 -6.84
CA ALA A 7 0.55 0.20 -6.10
C ALA A 7 1.46 0.13 -4.88
N GLY A 8 2.67 0.70 -5.00
CA GLY A 8 3.61 0.69 -3.90
C GLY A 8 3.11 1.46 -2.69
N LYS A 9 2.16 2.35 -2.93
CA LYS A 9 1.60 3.16 -1.85
C LYS A 9 0.51 2.38 -1.11
N LYS A 10 -0.57 2.06 -1.82
CA LYS A 10 -1.68 1.32 -1.23
C LYS A 10 -1.17 0.16 -0.38
N ILE A 11 -0.26 -0.62 -0.95
CA ILE A 11 0.31 -1.77 -0.25
C ILE A 11 0.90 -1.34 1.10
N LYS A 12 1.62 -0.23 1.10
CA LYS A 12 2.24 0.28 2.31
C LYS A 12 1.17 0.66 3.35
N ASN A 13 0.02 1.11 2.86
CA ASN A 13 -1.07 1.50 3.74
C ASN A 13 -1.74 0.28 4.36
N LEU A 14 -1.57 -0.87 3.72
CA LEU A 14 -2.16 -2.12 4.20
C LEU A 14 -1.25 -2.79 5.23
N LEU A 15 0.06 -2.72 4.98
CA LEU A 15 1.04 -3.31 5.88
C LEU A 15 0.97 -2.68 7.26
N ILE A 16 0.88 -1.36 7.30
CA ILE A 16 0.80 -0.62 8.55
C ILE A 16 -0.51 -0.91 9.28
N SER A 17 -1.59 -1.04 8.51
CA SER A 17 -2.90 -1.32 9.09
C SER A 17 -2.98 -2.76 9.60
N GLY A 18 -2.34 -3.67 8.87
CA GLY A 18 -2.35 -5.07 9.26
C GLY A 18 -1.36 -5.36 10.37
N LEU A 19 -0.40 -4.47 10.55
CA LEU A 19 0.62 -4.64 11.58
C LEU A 19 0.24 -3.87 12.85
N LYS A 20 -0.60 -2.86 12.69
CA LYS A 20 -1.05 -2.04 13.81
C LYS A 20 -2.34 -2.59 14.41
N GLY A 21 -3.20 -3.14 13.56
CA GLY A 21 -4.45 -3.70 14.03
C GLY A 21 -4.40 -5.20 14.15
N GLY A 1 0.18 1.71 -15.77
CA GLY A 1 1.43 2.26 -15.27
C GLY A 1 1.24 3.12 -14.03
N ILE A 2 0.49 4.20 -14.19
CA ILE A 2 0.23 5.11 -13.07
C ILE A 2 -0.33 4.35 -11.87
N PHE A 3 -1.18 3.37 -12.13
CA PHE A 3 -1.78 2.57 -11.06
C PHE A 3 -0.79 1.53 -10.55
N SER A 4 0.16 1.14 -11.40
CA SER A 4 1.16 0.15 -11.03
C SER A 4 2.20 0.74 -10.10
N LYS A 5 2.61 1.98 -10.39
CA LYS A 5 3.60 2.67 -9.57
C LYS A 5 3.00 3.11 -8.24
N LEU A 6 1.73 3.51 -8.28
CA LEU A 6 1.04 3.96 -7.08
C LEU A 6 0.73 2.78 -6.15
N ALA A 7 0.68 1.58 -6.73
CA ALA A 7 0.40 0.38 -5.96
C ALA A 7 1.33 0.27 -4.74
N GLY A 8 2.57 0.70 -4.92
CA GLY A 8 3.54 0.64 -3.84
C GLY A 8 3.08 1.40 -2.62
N LYS A 9 2.15 2.33 -2.81
CA LYS A 9 1.63 3.13 -1.71
C LYS A 9 0.51 2.37 -0.97
N LYS A 10 -0.58 2.11 -1.68
CA LYS A 10 -1.71 1.39 -1.09
C LYS A 10 -1.24 0.15 -0.35
N ILE A 11 -0.36 -0.62 -0.99
CA ILE A 11 0.16 -1.84 -0.40
C ILE A 11 0.85 -1.55 0.93
N LYS A 12 1.51 -0.40 1.02
CA LYS A 12 2.20 0.00 2.24
C LYS A 12 1.21 0.45 3.31
N ASN A 13 0.08 1.00 2.87
CA ASN A 13 -0.95 1.47 3.78
C ASN A 13 -1.70 0.29 4.41
N LEU A 14 -1.82 -0.80 3.66
CA LEU A 14 -2.51 -1.98 4.14
C LEU A 14 -1.60 -2.81 5.05
N LEU A 15 -0.32 -2.83 4.72
CA LEU A 15 0.67 -3.59 5.50
C LEU A 15 0.77 -3.04 6.91
N ILE A 16 0.83 -1.72 7.03
CA ILE A 16 0.93 -1.07 8.33
C ILE A 16 -0.34 -1.27 9.15
N SER A 17 -1.49 -1.23 8.47
CA SER A 17 -2.77 -1.41 9.14
C SER A 17 -2.99 -2.88 9.49
N GLY A 18 -2.42 -3.78 8.70
CA GLY A 18 -2.57 -5.20 8.94
C GLY A 18 -1.57 -5.71 9.96
N LEU A 19 -0.51 -4.95 10.19
CA LEU A 19 0.53 -5.33 11.14
C LEU A 19 0.35 -4.58 12.46
N LYS A 20 -0.38 -3.48 12.41
CA LYS A 20 -0.62 -2.67 13.60
C LYS A 20 -2.00 -2.96 14.19
N GLY A 21 -2.96 -3.29 13.32
CA GLY A 21 -4.30 -3.59 13.78
C GLY A 21 -4.64 -5.06 13.62
N GLY A 1 1.11 3.50 -16.57
CA GLY A 1 1.15 2.61 -15.43
C GLY A 1 1.04 3.35 -14.10
N ILE A 2 0.33 4.48 -14.13
CA ILE A 2 0.16 5.28 -12.92
C ILE A 2 -0.35 4.43 -11.76
N PHE A 3 -1.28 3.52 -12.05
CA PHE A 3 -1.84 2.65 -11.04
C PHE A 3 -0.85 1.55 -10.66
N SER A 4 0.03 1.21 -11.59
CA SER A 4 1.02 0.16 -11.37
C SER A 4 2.12 0.65 -10.43
N LYS A 5 2.55 1.89 -10.63
CA LYS A 5 3.60 2.48 -9.81
C LYS A 5 3.04 2.92 -8.46
N LEU A 6 1.79 3.36 -8.46
CA LEU A 6 1.13 3.81 -7.23
C LEU A 6 0.79 2.63 -6.34
N ALA A 7 0.77 1.44 -6.92
CA ALA A 7 0.46 0.22 -6.17
C ALA A 7 1.36 0.09 -4.96
N GLY A 8 2.60 0.57 -5.08
CA GLY A 8 3.54 0.48 -3.98
C GLY A 8 3.08 1.27 -2.77
N LYS A 9 2.19 2.22 -2.98
CA LYS A 9 1.67 3.05 -1.90
C LYS A 9 0.55 2.34 -1.16
N LYS A 10 -0.52 2.03 -1.88
CA LYS A 10 -1.66 1.34 -1.29
C LYS A 10 -1.22 0.13 -0.48
N ILE A 11 -0.37 -0.69 -1.08
CA ILE A 11 0.14 -1.89 -0.41
C ILE A 11 0.81 -1.53 0.92
N LYS A 12 1.48 -0.38 0.96
CA LYS A 12 2.14 0.07 2.17
C LYS A 12 1.14 0.58 3.19
N ASN A 13 0.00 1.07 2.71
CA ASN A 13 -1.04 1.58 3.59
C ASN A 13 -1.77 0.44 4.29
N LEU A 14 -1.90 -0.68 3.60
CA LEU A 14 -2.57 -1.85 4.16
C LEU A 14 -1.64 -2.63 5.09
N LEU A 15 -0.35 -2.64 4.75
CA LEU A 15 0.65 -3.34 5.54
C LEU A 15 0.77 -2.72 6.94
N ILE A 16 0.80 -1.39 6.98
CA ILE A 16 0.91 -0.68 8.24
C ILE A 16 -0.36 -0.84 9.08
N SER A 17 -1.51 -0.84 8.41
CA SER A 17 -2.78 -0.97 9.09
C SER A 17 -3.00 -2.41 9.55
N GLY A 18 -2.48 -3.36 8.78
CA GLY A 18 -2.63 -4.76 9.12
C GLY A 18 -1.62 -5.21 10.15
N LEU A 19 -0.54 -4.44 10.30
CA LEU A 19 0.51 -4.77 11.25
C LEU A 19 0.39 -3.92 12.51
N LYS A 20 -0.33 -2.81 12.40
CA LYS A 20 -0.53 -1.91 13.52
C LYS A 20 -1.48 -2.52 14.55
N GLY A 21 -2.43 -3.32 14.07
CA GLY A 21 -3.38 -3.95 14.96
C GLY A 21 -2.90 -5.29 15.48
N GLY A 1 2.64 2.63 -16.02
CA GLY A 1 1.29 2.56 -15.50
C GLY A 1 1.11 3.31 -14.20
N ILE A 2 0.36 4.41 -14.25
CA ILE A 2 0.12 5.22 -13.06
C ILE A 2 -0.39 4.37 -11.90
N PHE A 3 -1.25 3.40 -12.22
CA PHE A 3 -1.81 2.51 -11.20
C PHE A 3 -0.79 1.46 -10.78
N SER A 4 0.15 1.16 -11.67
CA SER A 4 1.17 0.16 -11.40
C SER A 4 2.22 0.72 -10.43
N LYS A 5 2.61 1.98 -10.64
CA LYS A 5 3.59 2.63 -9.79
C LYS A 5 2.97 3.04 -8.46
N LEU A 6 1.70 3.42 -8.49
CA LEU A 6 1.00 3.83 -7.28
C LEU A 6 0.68 2.63 -6.40
N ALA A 7 0.71 1.44 -6.99
CA ALA A 7 0.44 0.22 -6.25
C ALA A 7 1.34 0.10 -5.01
N GLY A 8 2.55 0.64 -5.11
CA GLY A 8 3.47 0.60 -3.99
C GLY A 8 2.96 1.36 -2.79
N LYS A 9 2.03 2.29 -3.02
CA LYS A 9 1.47 3.09 -1.95
C LYS A 9 0.35 2.33 -1.23
N LYS A 10 -0.70 1.99 -1.97
CA LYS A 10 -1.82 1.25 -1.40
C LYS A 10 -1.34 0.06 -0.58
N ILE A 11 -0.45 -0.73 -1.17
CA ILE A 11 0.09 -1.90 -0.50
C ILE A 11 0.71 -1.54 0.85
N LYS A 12 1.34 -0.36 0.90
CA LYS A 12 1.97 0.11 2.13
C LYS A 12 0.92 0.57 3.13
N ASN A 13 -0.22 1.04 2.63
CA ASN A 13 -1.31 1.51 3.49
C ASN A 13 -2.01 0.33 4.16
N LEU A 14 -2.08 -0.79 3.46
CA LEU A 14 -2.73 -1.99 4.00
C LEU A 14 -1.80 -2.73 4.95
N LEU A 15 -0.50 -2.71 4.65
CA LEU A 15 0.49 -3.37 5.48
C LEU A 15 0.53 -2.76 6.87
N ILE A 16 0.54 -1.43 6.93
CA ILE A 16 0.57 -0.72 8.20
C ILE A 16 -0.71 -0.95 9.00
N SER A 17 -1.83 -0.99 8.30
CA SER A 17 -3.12 -1.21 8.94
C SER A 17 -3.28 -2.65 9.38
N GLY A 18 -2.66 -3.57 8.63
CA GLY A 18 -2.75 -4.97 8.96
C GLY A 18 -1.73 -5.38 10.01
N LEU A 19 -0.71 -4.56 10.20
CA LEU A 19 0.33 -4.84 11.18
C LEU A 19 0.13 -4.02 12.44
N LYS A 20 -0.62 -2.93 12.32
CA LYS A 20 -0.90 -2.07 13.47
C LYS A 20 -1.89 -2.72 14.42
N GLY A 21 -3.17 -2.75 14.04
CA GLY A 21 -4.18 -3.36 14.87
C GLY A 21 -4.50 -4.78 14.46
N GLY A 1 0.43 3.23 -16.90
CA GLY A 1 1.00 2.56 -15.74
C GLY A 1 0.99 3.44 -14.50
N ILE A 2 -0.13 4.10 -14.26
CA ILE A 2 -0.27 4.97 -13.10
C ILE A 2 -0.67 4.18 -11.86
N PHE A 3 -1.51 3.16 -12.07
CA PHE A 3 -1.97 2.33 -10.95
C PHE A 3 -0.90 1.32 -10.56
N SER A 4 -0.01 0.99 -11.50
CA SER A 4 1.06 0.03 -11.25
C SER A 4 2.13 0.64 -10.36
N LYS A 5 2.48 1.90 -10.63
CA LYS A 5 3.49 2.61 -9.85
C LYS A 5 2.94 3.05 -8.51
N LEU A 6 1.65 3.41 -8.49
CA LEU A 6 0.99 3.85 -7.27
C LEU A 6 0.76 2.69 -6.32
N ALA A 7 0.81 1.48 -6.86
CA ALA A 7 0.60 0.28 -6.06
C ALA A 7 1.50 0.27 -4.83
N GLY A 8 2.72 0.77 -4.99
CA GLY A 8 3.65 0.82 -3.89
C GLY A 8 3.12 1.59 -2.70
N LYS A 9 2.14 2.46 -2.95
CA LYS A 9 1.54 3.27 -1.90
C LYS A 9 0.45 2.49 -1.17
N LYS A 10 -0.60 2.13 -1.89
CA LYS A 10 -1.71 1.38 -1.30
C LYS A 10 -1.19 0.18 -0.50
N ILE A 11 -0.24 -0.55 -1.09
CA ILE A 11 0.34 -1.71 -0.43
C ILE A 11 0.97 -1.33 0.91
N LYS A 12 1.56 -0.14 0.96
CA LYS A 12 2.19 0.35 2.17
C LYS A 12 1.15 0.80 3.19
N ASN A 13 0.00 1.24 2.70
CA ASN A 13 -1.08 1.70 3.57
C ASN A 13 -1.78 0.52 4.24
N LEU A 14 -1.80 -0.62 3.55
CA LEU A 14 -2.43 -1.82 4.08
C LEU A 14 -1.48 -2.58 5.00
N LEU A 15 -0.19 -2.52 4.69
CA LEU A 15 0.82 -3.19 5.50
C LEU A 15 0.89 -2.59 6.90
N ILE A 16 0.87 -1.26 6.97
CA ILE A 16 0.94 -0.57 8.25
C ILE A 16 -0.36 -0.74 9.03
N SER A 17 -1.48 -0.80 8.31
CA SER A 17 -2.79 -0.97 8.94
C SER A 17 -2.99 -2.40 9.41
N GLY A 18 -2.44 -3.35 8.64
CA GLY A 18 -2.58 -4.75 9.00
C GLY A 18 -1.57 -5.18 10.04
N LEU A 19 -0.52 -4.40 10.21
CA LEU A 19 0.53 -4.71 11.18
C LEU A 19 0.35 -3.88 12.45
N LYS A 20 -0.40 -2.79 12.34
CA LYS A 20 -0.66 -1.92 13.48
C LYS A 20 -1.64 -2.58 14.45
N GLY A 21 -2.55 -3.39 13.92
CA GLY A 21 -3.52 -4.06 14.75
C GLY A 21 -2.88 -5.01 15.74
N GLY A 1 0.11 3.05 -16.72
CA GLY A 1 1.09 2.63 -15.74
C GLY A 1 1.09 3.48 -14.49
N ILE A 2 -0.02 4.17 -14.25
CA ILE A 2 -0.15 5.03 -13.08
C ILE A 2 -0.58 4.24 -11.86
N PHE A 3 -1.44 3.25 -12.07
CA PHE A 3 -1.94 2.41 -10.99
C PHE A 3 -0.90 1.36 -10.59
N SER A 4 -0.01 1.03 -11.53
CA SER A 4 1.04 0.05 -11.28
C SER A 4 2.12 0.61 -10.37
N LYS A 5 2.50 1.86 -10.62
CA LYS A 5 3.52 2.53 -9.82
C LYS A 5 2.96 2.98 -8.48
N LEU A 6 1.68 3.37 -8.48
CA LEU A 6 1.03 3.82 -7.25
C LEU A 6 0.76 2.65 -6.32
N ALA A 7 0.78 1.44 -6.87
CA ALA A 7 0.54 0.23 -6.09
C ALA A 7 1.43 0.18 -4.87
N GLY A 8 2.66 0.70 -5.01
CA GLY A 8 3.59 0.70 -3.90
C GLY A 8 3.09 1.48 -2.71
N LYS A 9 2.14 2.38 -2.96
CA LYS A 9 1.56 3.20 -1.89
C LYS A 9 0.47 2.43 -1.15
N LYS A 10 -0.60 2.10 -1.86
CA LYS A 10 -1.71 1.37 -1.26
C LYS A 10 -1.21 0.18 -0.46
N ILE A 11 -0.30 -0.59 -1.05
CA ILE A 11 0.25 -1.76 -0.39
C ILE A 11 0.90 -1.38 0.94
N LYS A 12 1.52 -0.20 0.97
CA LYS A 12 2.19 0.28 2.17
C LYS A 12 1.17 0.73 3.21
N ASN A 13 0.02 1.23 2.74
CA ASN A 13 -1.03 1.69 3.62
C ASN A 13 -1.73 0.51 4.31
N LEU A 14 -1.81 -0.61 3.60
CA LEU A 14 -2.46 -1.80 4.13
C LEU A 14 -1.52 -2.55 5.06
N LEU A 15 -0.22 -2.52 4.75
CA LEU A 15 0.78 -3.20 5.56
C LEU A 15 0.86 -2.58 6.95
N ILE A 16 0.85 -1.25 7.01
CA ILE A 16 0.92 -0.54 8.28
C ILE A 16 -0.37 -0.70 9.07
N SER A 17 -1.49 -0.78 8.36
CA SER A 17 -2.79 -0.94 9.00
C SER A 17 -2.99 -2.37 9.48
N GLY A 18 -2.44 -3.33 8.73
CA GLY A 18 -2.57 -4.72 9.10
C GLY A 18 -1.56 -5.14 10.15
N LEU A 19 -0.49 -4.35 10.30
CA LEU A 19 0.55 -4.65 11.27
C LEU A 19 0.37 -3.80 12.53
N LYS A 20 -0.38 -2.72 12.41
CA LYS A 20 -0.64 -1.83 13.54
C LYS A 20 -1.61 -2.48 14.53
N GLY A 21 -2.52 -3.30 14.01
CA GLY A 21 -3.49 -3.97 14.86
C GLY A 21 -3.21 -5.45 15.00
N GLY A 1 0.04 2.41 -16.11
CA GLY A 1 1.33 2.96 -15.72
C GLY A 1 1.25 3.77 -14.44
N ILE A 2 0.12 4.42 -14.22
CA ILE A 2 -0.08 5.23 -13.03
C ILE A 2 -0.55 4.38 -11.85
N PHE A 3 -1.37 3.38 -12.14
CA PHE A 3 -1.87 2.48 -11.10
C PHE A 3 -0.82 1.45 -10.70
N SER A 4 0.11 1.18 -11.61
CA SER A 4 1.17 0.22 -11.35
C SER A 4 2.20 0.79 -10.39
N LYS A 5 2.55 2.06 -10.58
CA LYS A 5 3.52 2.72 -9.72
C LYS A 5 2.89 3.10 -8.38
N LEU A 6 1.62 3.45 -8.41
CA LEU A 6 0.89 3.84 -7.20
C LEU A 6 0.63 2.63 -6.32
N ALA A 7 0.70 1.44 -6.91
CA ALA A 7 0.47 0.20 -6.18
C ALA A 7 1.36 0.11 -4.95
N GLY A 8 2.55 0.69 -5.05
CA GLY A 8 3.48 0.65 -3.93
C GLY A 8 2.96 1.41 -2.72
N LYS A 9 2.00 2.31 -2.95
CA LYS A 9 1.42 3.09 -1.88
C LYS A 9 0.33 2.32 -1.16
N LYS A 10 -0.70 1.93 -1.91
CA LYS A 10 -1.82 1.18 -1.36
C LYS A 10 -1.31 0.01 -0.52
N ILE A 11 -0.37 -0.75 -1.07
CA ILE A 11 0.19 -1.90 -0.37
C ILE A 11 0.82 -1.48 0.94
N LYS A 12 1.42 -0.30 0.96
CA LYS A 12 2.05 0.22 2.17
C LYS A 12 1.02 0.68 3.19
N ASN A 13 -0.14 1.10 2.69
CA ASN A 13 -1.22 1.56 3.56
C ASN A 13 -1.88 0.38 4.27
N LEU A 14 -1.91 -0.77 3.61
CA LEU A 14 -2.51 -1.97 4.18
C LEU A 14 -1.53 -2.68 5.10
N LEU A 15 -0.25 -2.61 4.76
CA LEU A 15 0.79 -3.25 5.56
C LEU A 15 0.88 -2.62 6.94
N ILE A 16 0.84 -1.29 6.99
CA ILE A 16 0.92 -0.57 8.25
C ILE A 16 -0.36 -0.74 9.06
N SER A 17 -1.49 -0.84 8.36
CA SER A 17 -2.79 -1.00 9.02
C SER A 17 -2.96 -2.43 9.52
N GLY A 18 -2.41 -3.38 8.77
CA GLY A 18 -2.52 -4.78 9.15
C GLY A 18 -1.49 -5.17 10.20
N LEU A 19 -0.44 -4.37 10.32
CA LEU A 19 0.63 -4.64 11.28
C LEU A 19 0.46 -3.79 12.53
N LYS A 20 -0.31 -2.72 12.42
CA LYS A 20 -0.56 -1.83 13.54
C LYS A 20 -1.51 -2.47 14.55
N GLY A 21 -2.41 -3.30 14.05
CA GLY A 21 -3.36 -3.98 14.92
C GLY A 21 -2.77 -5.20 15.59
N GLY A 1 -0.47 0.84 -15.61
CA GLY A 1 0.54 1.86 -15.69
C GLY A 1 0.60 2.73 -14.45
N ILE A 2 -0.08 3.87 -14.49
CA ILE A 2 -0.10 4.79 -13.36
C ILE A 2 -0.49 4.07 -12.08
N PHE A 3 -1.48 3.17 -12.18
CA PHE A 3 -1.94 2.41 -11.02
C PHE A 3 -0.90 1.38 -10.61
N SER A 4 -0.10 0.92 -11.57
CA SER A 4 0.93 -0.07 -11.30
C SER A 4 2.06 0.52 -10.47
N LYS A 5 2.44 1.75 -10.78
CA LYS A 5 3.51 2.43 -10.06
C LYS A 5 3.02 2.91 -8.69
N LEU A 6 1.78 3.38 -8.65
CA LEU A 6 1.20 3.86 -7.40
C LEU A 6 0.92 2.70 -6.44
N ALA A 7 0.95 1.48 -6.98
CA ALA A 7 0.70 0.29 -6.16
C ALA A 7 1.60 0.28 -4.93
N GLY A 8 2.82 0.75 -5.09
CA GLY A 8 3.76 0.78 -3.99
C GLY A 8 3.23 1.56 -2.80
N LYS A 9 2.27 2.44 -3.05
CA LYS A 9 1.67 3.25 -2.00
C LYS A 9 0.57 2.48 -1.26
N LYS A 10 -0.48 2.14 -1.98
CA LYS A 10 -1.60 1.39 -1.41
C LYS A 10 -1.10 0.19 -0.62
N ILE A 11 -0.16 -0.55 -1.20
CA ILE A 11 0.39 -1.72 -0.54
C ILE A 11 1.03 -1.35 0.79
N LYS A 12 1.64 -0.17 0.85
CA LYS A 12 2.27 0.30 2.08
C LYS A 12 1.23 0.74 3.09
N ASN A 13 0.09 1.22 2.60
CA ASN A 13 -0.99 1.68 3.48
C ASN A 13 -1.69 0.50 4.13
N LEU A 14 -1.76 -0.62 3.42
CA LEU A 14 -2.41 -1.82 3.94
C LEU A 14 -1.48 -2.58 4.89
N LEU A 15 -0.18 -2.53 4.58
CA LEU A 15 0.80 -3.22 5.41
C LEU A 15 0.85 -2.62 6.81
N ILE A 16 0.84 -1.31 6.89
CA ILE A 16 0.88 -0.61 8.17
C ILE A 16 -0.41 -0.83 8.95
N SER A 17 -1.53 -0.84 8.23
CA SER A 17 -2.84 -1.05 8.86
C SER A 17 -3.00 -2.50 9.31
N GLY A 18 -2.45 -3.42 8.53
CA GLY A 18 -2.55 -4.84 8.87
C GLY A 18 -1.54 -5.25 9.92
N LEU A 19 -0.50 -4.44 10.09
CA LEU A 19 0.55 -4.74 11.07
C LEU A 19 0.33 -3.92 12.34
N LYS A 20 -0.42 -2.84 12.23
CA LYS A 20 -0.70 -1.98 13.37
C LYS A 20 -1.67 -2.65 14.34
N GLY A 21 -2.56 -3.47 13.79
CA GLY A 21 -3.54 -4.16 14.61
C GLY A 21 -2.95 -5.38 15.30
N GLY A 1 1.78 4.21 -16.24
CA GLY A 1 1.50 3.18 -15.26
C GLY A 1 1.14 3.74 -13.91
N ILE A 2 0.22 4.71 -13.89
CA ILE A 2 -0.20 5.34 -12.65
C ILE A 2 -0.62 4.29 -11.61
N PHE A 3 -1.31 3.25 -12.09
CA PHE A 3 -1.76 2.18 -11.21
C PHE A 3 -0.61 1.26 -10.83
N SER A 4 0.41 1.21 -11.69
CA SER A 4 1.56 0.35 -11.44
C SER A 4 2.45 0.96 -10.35
N LYS A 5 2.64 2.27 -10.41
CA LYS A 5 3.47 2.97 -9.43
C LYS A 5 2.72 3.12 -8.11
N LEU A 6 1.41 3.31 -8.19
CA LEU A 6 0.59 3.47 -6.99
C LEU A 6 0.43 2.14 -6.26
N ALA A 7 0.69 1.04 -6.97
CA ALA A 7 0.58 -0.29 -6.38
C ALA A 7 1.52 -0.45 -5.19
N GLY A 8 2.65 0.25 -5.25
CA GLY A 8 3.62 0.18 -4.16
C GLY A 8 3.21 1.02 -2.97
N LYS A 9 2.34 1.99 -3.19
CA LYS A 9 1.88 2.87 -2.13
C LYS A 9 0.74 2.21 -1.34
N LYS A 10 -0.36 1.94 -2.03
CA LYS A 10 -1.52 1.31 -1.40
C LYS A 10 -1.09 0.13 -0.52
N ILE A 11 -0.26 -0.74 -1.09
CA ILE A 11 0.22 -1.91 -0.35
C ILE A 11 0.87 -1.50 0.96
N LYS A 12 1.66 -0.44 0.94
CA LYS A 12 2.34 0.05 2.13
C LYS A 12 1.32 0.52 3.17
N ASN A 13 0.22 1.09 2.70
CA ASN A 13 -0.82 1.57 3.59
C ASN A 13 -1.57 0.42 4.23
N LEU A 14 -1.49 -0.76 3.61
CA LEU A 14 -2.15 -1.94 4.12
C LEU A 14 -1.28 -2.66 5.15
N LEU A 15 0.02 -2.69 4.89
CA LEU A 15 0.96 -3.34 5.79
C LEU A 15 0.97 -2.67 7.15
N ILE A 16 0.98 -1.34 7.15
CA ILE A 16 0.98 -0.58 8.40
C ILE A 16 -0.34 -0.73 9.13
N SER A 17 -1.43 -0.83 8.38
CA SER A 17 -2.76 -0.97 8.96
C SER A 17 -2.96 -2.38 9.51
N GLY A 18 -2.41 -3.37 8.82
CA GLY A 18 -2.53 -4.75 9.26
C GLY A 18 -1.56 -5.09 10.37
N LEU A 19 -0.52 -4.28 10.52
CA LEU A 19 0.49 -4.51 11.55
C LEU A 19 0.20 -3.66 12.78
N LYS A 20 -0.56 -2.59 12.59
CA LYS A 20 -0.91 -1.69 13.68
C LYS A 20 -2.19 -2.16 14.39
N GLY A 21 -3.03 -2.89 13.65
CA GLY A 21 -4.26 -3.37 14.22
C GLY A 21 -4.24 -4.88 14.44
N GLY A 1 1.66 2.77 -16.22
CA GLY A 1 2.43 2.59 -15.01
C GLY A 1 2.02 3.55 -13.91
N ILE A 2 0.80 4.08 -14.01
CA ILE A 2 0.29 5.01 -13.03
C ILE A 2 -0.33 4.27 -11.85
N PHE A 3 -1.00 3.16 -12.15
CA PHE A 3 -1.64 2.35 -11.11
C PHE A 3 -0.62 1.43 -10.43
N SER A 4 0.45 1.12 -11.14
CA SER A 4 1.49 0.25 -10.61
C SER A 4 2.39 1.01 -9.63
N LYS A 5 2.66 2.27 -9.94
CA LYS A 5 3.50 3.10 -9.10
C LYS A 5 2.75 3.54 -7.85
N LEU A 6 1.46 3.82 -8.00
CA LEU A 6 0.62 4.25 -6.89
C LEU A 6 0.32 3.09 -5.95
N ALA A 7 0.44 1.87 -6.48
CA ALA A 7 0.18 0.67 -5.68
C ALA A 7 1.10 0.61 -4.47
N GLY A 8 2.33 1.10 -4.63
CA GLY A 8 3.28 1.09 -3.54
C GLY A 8 2.77 1.79 -2.31
N LYS A 9 1.79 2.68 -2.50
CA LYS A 9 1.21 3.43 -1.39
C LYS A 9 0.13 2.61 -0.69
N LYS A 10 -0.94 2.30 -1.42
CA LYS A 10 -2.03 1.52 -0.86
C LYS A 10 -1.52 0.28 -0.15
N ILE A 11 -0.59 -0.42 -0.79
CA ILE A 11 -0.01 -1.63 -0.20
C ILE A 11 0.65 -1.33 1.14
N LYS A 12 1.24 -0.15 1.25
CA LYS A 12 1.90 0.26 2.50
C LYS A 12 0.87 0.66 3.55
N ASN A 13 -0.28 1.14 3.10
CA ASN A 13 -1.35 1.55 4.01
C ASN A 13 -2.05 0.34 4.61
N LEU A 14 -2.08 -0.76 3.86
CA LEU A 14 -2.72 -1.99 4.33
C LEU A 14 -1.76 -2.80 5.19
N LEU A 15 -0.47 -2.73 4.87
CA LEU A 15 0.54 -3.46 5.62
C LEU A 15 0.65 -2.93 7.04
N ILE A 16 0.64 -1.62 7.18
CA ILE A 16 0.74 -0.99 8.49
C ILE A 16 -0.55 -1.20 9.30
N SER A 17 -1.68 -1.22 8.61
CA SER A 17 -2.98 -1.41 9.25
C SER A 17 -3.19 -2.88 9.62
N GLY A 18 -2.63 -3.78 8.80
CA GLY A 18 -2.76 -5.20 9.04
C GLY A 18 -1.77 -5.71 10.07
N LEU A 19 -0.71 -4.94 10.28
CA LEU A 19 0.32 -5.32 11.25
C LEU A 19 0.12 -4.59 12.58
N LYS A 20 -0.64 -3.50 12.54
CA LYS A 20 -0.91 -2.72 13.74
C LYS A 20 -2.29 -3.05 14.31
N GLY A 21 -3.34 -2.55 13.65
CA GLY A 21 -4.68 -2.79 14.09
C GLY A 21 -5.03 -4.28 14.13
N GLY A 1 2.42 2.42 -15.80
CA GLY A 1 1.06 2.49 -15.33
C GLY A 1 0.93 3.25 -14.03
N ILE A 2 0.19 4.35 -14.07
CA ILE A 2 0.00 5.19 -12.88
C ILE A 2 -0.48 4.34 -11.70
N PHE A 3 -1.38 3.40 -11.98
CA PHE A 3 -1.91 2.53 -10.94
C PHE A 3 -0.90 1.46 -10.54
N SER A 4 0.01 1.14 -11.46
CA SER A 4 1.03 0.13 -11.21
C SER A 4 2.11 0.68 -10.27
N LYS A 5 2.50 1.93 -10.50
CA LYS A 5 3.52 2.57 -9.69
C LYS A 5 2.96 3.00 -8.34
N LEU A 6 1.68 3.40 -8.35
CA LEU A 6 1.02 3.83 -7.12
C LEU A 6 0.71 2.64 -6.21
N ALA A 7 0.72 1.44 -6.79
CA ALA A 7 0.45 0.23 -6.04
C ALA A 7 1.37 0.11 -4.83
N GLY A 8 2.58 0.64 -4.96
CA GLY A 8 3.54 0.58 -3.87
C GLY A 8 3.08 1.38 -2.66
N LYS A 9 2.17 2.30 -2.88
CA LYS A 9 1.64 3.12 -1.79
C LYS A 9 0.54 2.39 -1.04
N LYS A 10 -0.54 2.05 -1.74
CA LYS A 10 -1.66 1.34 -1.13
C LYS A 10 -1.17 0.14 -0.33
N ILE A 11 -0.30 -0.66 -0.93
CA ILE A 11 0.24 -1.84 -0.27
C ILE A 11 0.90 -1.46 1.06
N LYS A 12 1.54 -0.30 1.08
CA LYS A 12 2.22 0.17 2.29
C LYS A 12 1.21 0.66 3.32
N ASN A 13 0.06 1.13 2.84
CA ASN A 13 -1.00 1.64 3.72
C ASN A 13 -1.71 0.48 4.42
N LEU A 14 -1.77 -0.66 3.75
CA LEU A 14 -2.44 -1.84 4.31
C LEU A 14 -1.49 -2.60 5.23
N LEU A 15 -0.20 -2.59 4.89
CA LEU A 15 0.81 -3.28 5.68
C LEU A 15 0.92 -2.65 7.07
N ILE A 16 0.98 -1.33 7.12
CA ILE A 16 1.09 -0.61 8.39
C ILE A 16 -0.18 -0.76 9.22
N SER A 17 -1.32 -0.82 8.53
CA SER A 17 -2.61 -0.97 9.21
C SER A 17 -2.81 -2.39 9.70
N GLY A 18 -2.30 -3.35 8.95
CA GLY A 18 -2.42 -4.75 9.33
C GLY A 18 -1.53 -5.12 10.50
N LEU A 19 -0.44 -4.38 10.65
CA LEU A 19 0.51 -4.63 11.74
C LEU A 19 0.19 -3.77 12.95
N LYS A 20 -0.22 -2.53 12.69
CA LYS A 20 -0.55 -1.59 13.76
C LYS A 20 -1.91 -1.93 14.38
N GLY A 21 -2.77 -2.58 13.59
CA GLY A 21 -4.08 -2.95 14.08
C GLY A 21 -4.07 -4.28 14.82
N GLY A 1 2.16 3.02 -16.65
CA GLY A 1 2.08 2.39 -15.35
C GLY A 1 1.80 3.38 -14.23
N ILE A 2 0.64 4.01 -14.30
CA ILE A 2 0.25 4.99 -13.29
C ILE A 2 -0.39 4.31 -12.08
N PHE A 3 -1.16 3.27 -12.35
CA PHE A 3 -1.83 2.53 -11.27
C PHE A 3 -0.88 1.52 -10.63
N SER A 4 0.14 1.11 -11.39
CA SER A 4 1.12 0.15 -10.89
C SER A 4 2.11 0.82 -9.96
N LYS A 5 2.49 2.06 -10.29
CA LYS A 5 3.44 2.81 -9.48
C LYS A 5 2.79 3.32 -8.21
N LEU A 6 1.52 3.71 -8.32
CA LEU A 6 0.78 4.22 -7.17
C LEU A 6 0.40 3.10 -6.21
N ALA A 7 0.39 1.86 -6.73
CA ALA A 7 0.06 0.70 -5.92
C ALA A 7 1.02 0.55 -4.75
N GLY A 8 2.27 0.95 -4.97
CA GLY A 8 3.28 0.85 -3.92
C GLY A 8 2.88 1.61 -2.66
N LYS A 9 1.97 2.57 -2.82
CA LYS A 9 1.51 3.38 -1.69
C LYS A 9 0.41 2.64 -0.93
N LYS A 10 -0.70 2.38 -1.60
CA LYS A 10 -1.83 1.69 -0.98
C LYS A 10 -1.36 0.44 -0.25
N ILE A 11 -0.50 -0.35 -0.91
CA ILE A 11 0.01 -1.57 -0.32
C ILE A 11 0.74 -1.28 0.99
N LYS A 12 1.42 -0.14 1.05
CA LYS A 12 2.17 0.25 2.24
C LYS A 12 1.21 0.74 3.34
N ASN A 13 0.08 1.29 2.93
CA ASN A 13 -0.91 1.78 3.87
C ASN A 13 -1.65 0.63 4.54
N LEU A 14 -1.82 -0.46 3.81
CA LEU A 14 -2.51 -1.64 4.34
C LEU A 14 -1.58 -2.47 5.20
N LEU A 15 -0.30 -2.51 4.82
CA LEU A 15 0.70 -3.27 5.56
C LEU A 15 0.86 -2.72 6.97
N ILE A 16 0.94 -1.40 7.09
CA ILE A 16 1.11 -0.74 8.38
C ILE A 16 -0.15 -0.91 9.24
N SER A 17 -1.32 -0.84 8.60
CA SER A 17 -2.58 -0.98 9.29
C SER A 17 -2.81 -2.43 9.72
N GLY A 18 -2.36 -3.37 8.89
CA GLY A 18 -2.53 -4.77 9.19
C GLY A 18 -1.47 -5.28 10.16
N LEU A 19 -0.38 -4.54 10.28
CA LEU A 19 0.70 -4.92 11.18
C LEU A 19 0.63 -4.13 12.49
N LYS A 20 -0.07 -3.01 12.46
CA LYS A 20 -0.23 -2.17 13.65
C LYS A 20 -1.17 -2.80 14.65
N GLY A 21 -2.15 -3.54 14.14
CA GLY A 21 -3.11 -4.20 15.01
C GLY A 21 -2.88 -5.70 15.11
#